data_7R30
#
_entry.id   7R30
#
_cell.length_a   63.637
_cell.length_b   63.637
_cell.length_c   82.207
_cell.angle_alpha   90.000
_cell.angle_beta   90.000
_cell.angle_gamma   120.000
#
_symmetry.space_group_name_H-M   'P 32'
#
loop_
_entity.id
_entity.type
_entity.pdbx_description
1 polymer 'Membrane-associated protein slr1513'
2 non-polymer 'BICARBONATE ION'
3 non-polymer "ADENOSINE-5'-DIPHOSPHATE"
4 non-polymer 'HEXAETHYLENE GLYCOL'
5 water water
#
_entity_poly.entity_id   1
_entity_poly.type   'polypeptide(L)'
_entity_poly.pdbx_seq_one_letter_code
;MAKPANKLVIVTEKILLKKIAKIIDESGAKGYTVMNTGGKGSRNVRSSGQPNTSDIEANIKFEILTETREMAEEIADRVA
VKYFNDYAGIIYICSAEVLYGHTFCGPEGCSAWSHPQFEK
;
_entity_poly.pdbx_strand_id   A,B,C
#
loop_
_chem_comp.id
_chem_comp.type
_chem_comp.name
_chem_comp.formula
ADP non-polymer ADENOSINE-5'-DIPHOSPHATE 'C10 H15 N5 O10 P2'
BCT non-polymer 'BICARBONATE ION' 'C H O3 -1'
P6G non-polymer 'HEXAETHYLENE GLYCOL' 'C12 H26 O7'
#
# COMPACT_ATOMS: atom_id res chain seq x y z
N ALA A 2 14.09 12.89 -6.09
CA ALA A 2 12.82 12.17 -5.99
C ALA A 2 11.83 12.89 -6.88
N LYS A 3 10.94 12.18 -7.51
CA LYS A 3 10.00 12.79 -8.41
C LYS A 3 8.60 12.56 -7.84
N PRO A 4 7.85 13.62 -7.54
CA PRO A 4 6.52 13.48 -7.01
C PRO A 4 5.66 12.69 -7.92
N ALA A 5 4.81 11.86 -7.32
CA ALA A 5 3.88 11.01 -8.10
C ALA A 5 2.61 10.90 -7.33
N ASN A 6 1.54 10.61 -8.03
CA ASN A 6 0.28 10.28 -7.41
C ASN A 6 0.22 8.74 -7.50
N LYS A 7 -0.11 8.08 -6.42
CA LYS A 7 -0.33 6.62 -6.46
C LYS A 7 -1.84 6.41 -6.38
N LEU A 8 -2.41 6.04 -7.50
CA LEU A 8 -3.82 5.72 -7.65
C LEU A 8 -3.98 4.26 -7.27
N VAL A 9 -4.93 4.00 -6.38
CA VAL A 9 -5.22 2.62 -5.96
C VAL A 9 -6.68 2.29 -6.31
N ILE A 10 -6.88 1.20 -6.98
CA ILE A 10 -8.22 0.74 -7.37
C ILE A 10 -8.44 -0.65 -6.80
N VAL A 11 -9.40 -0.80 -5.91
CA VAL A 11 -9.72 -2.11 -5.42
C VAL A 11 -11.08 -2.46 -5.97
N THR A 12 -11.15 -3.59 -6.69
CA THR A 12 -12.39 -3.96 -7.33
C THR A 12 -12.49 -5.46 -7.54
N GLU A 13 -13.53 -5.86 -8.29
CA GLU A 13 -13.81 -7.29 -8.55
C GLU A 13 -12.82 -7.83 -9.53
N LYS A 14 -12.38 -9.04 -9.26
CA LYS A 14 -11.35 -9.70 -10.05
C LYS A 14 -11.70 -9.82 -11.51
N ILE A 15 -12.98 -10.03 -11.81
CA ILE A 15 -13.37 -10.14 -13.24
C ILE A 15 -13.07 -8.89 -14.09
N LEU A 16 -12.82 -7.73 -13.46
CA LEU A 16 -12.55 -6.50 -14.23
C LEU A 16 -11.06 -6.30 -14.54
N LEU A 17 -10.23 -7.28 -14.20
CA LEU A 17 -8.78 -7.17 -14.32
C LEU A 17 -8.35 -6.63 -15.68
N LYS A 18 -8.69 -7.34 -16.75
CA LYS A 18 -8.26 -6.88 -18.08
C LYS A 18 -8.90 -5.59 -18.52
N LYS A 19 -10.15 -5.40 -18.19
CA LYS A 19 -10.84 -4.18 -18.57
C LYS A 19 -10.20 -2.94 -17.93
N ILE A 20 -9.83 -3.07 -16.67
CA ILE A 20 -9.20 -1.95 -16.01
C ILE A 20 -7.79 -1.76 -16.51
N ALA A 21 -7.07 -2.85 -16.75
CA ALA A 21 -5.72 -2.77 -17.35
C ALA A 21 -5.73 -2.00 -18.65
N LYS A 22 -6.77 -2.22 -19.46
CA LYS A 22 -6.87 -1.57 -20.74
C LYS A 22 -7.05 -0.07 -20.60
N ILE A 23 -7.90 0.34 -19.65
CA ILE A 23 -8.06 1.75 -19.37
C ILE A 23 -6.76 2.40 -18.87
N ILE A 24 -6.05 1.71 -17.98
CA ILE A 24 -4.75 2.21 -17.52
C ILE A 24 -3.76 2.48 -18.65
N ASP A 25 -3.62 1.49 -19.52
CA ASP A 25 -2.79 1.57 -20.70
C ASP A 25 -3.20 2.65 -21.62
N GLU A 26 -4.50 2.90 -21.76
CA GLU A 26 -4.99 3.95 -22.66
C GLU A 26 -4.82 5.35 -22.08
N SER A 27 -4.59 5.48 -20.79
CA SER A 27 -4.53 6.80 -20.15
C SER A 27 -3.23 7.51 -20.33
N GLY A 28 -2.18 6.77 -20.72
CA GLY A 28 -0.84 7.32 -20.68
C GLY A 28 0.03 6.87 -19.55
N ALA A 29 -0.54 6.22 -18.54
CA ALA A 29 0.28 5.76 -17.44
C ALA A 29 1.33 4.77 -17.92
N LYS A 30 2.47 4.73 -17.26
CA LYS A 30 3.61 4.00 -17.84
C LYS A 30 3.64 2.55 -17.35
N GLY A 31 2.81 2.24 -16.38
CA GLY A 31 2.81 0.91 -15.83
C GLY A 31 1.81 0.81 -14.72
N TYR A 32 1.70 -0.39 -14.14
CA TYR A 32 0.86 -0.62 -12.99
C TYR A 32 1.28 -1.89 -12.31
N THR A 33 0.88 -2.00 -11.05
CA THR A 33 1.06 -3.17 -10.27
C THR A 33 -0.34 -3.67 -9.91
N VAL A 34 -0.50 -4.98 -9.80
CA VAL A 34 -1.77 -5.56 -9.46
C VAL A 34 -1.56 -6.75 -8.54
N MET A 35 -2.48 -6.92 -7.63
CA MET A 35 -2.40 -7.99 -6.69
C MET A 35 -3.73 -8.56 -6.28
N ASN A 36 -3.68 -9.81 -5.88
CA ASN A 36 -4.82 -10.51 -5.40
C ASN A 36 -5.00 -10.16 -3.93
N THR A 37 -6.20 -9.74 -3.60
CA THR A 37 -6.55 -9.38 -2.26
C THR A 37 -7.90 -10.00 -1.90
N GLY A 38 -8.33 -9.77 -0.67
CA GLY A 38 -9.67 -10.07 -0.20
C GLY A 38 -10.27 -8.77 0.33
N GLY A 39 -11.58 -8.69 0.39
CA GLY A 39 -12.21 -7.55 0.98
C GLY A 39 -13.62 -7.78 1.44
N LYS A 40 -14.02 -6.96 2.40
CA LYS A 40 -15.40 -6.86 2.84
C LYS A 40 -15.79 -5.41 2.58
N GLY A 41 -16.97 -5.25 1.98
CA GLY A 41 -17.56 -3.92 1.75
C GLY A 41 -18.99 -3.99 2.25
N SER A 42 -19.92 -3.65 1.37
CA SER A 42 -21.36 -3.76 1.64
C SER A 42 -21.97 -4.97 0.97
N ASP A 55 -18.61 -11.95 5.01
CA ASP A 55 -17.34 -12.60 4.85
C ASP A 55 -16.51 -11.90 3.74
N ILE A 56 -15.28 -12.38 3.59
CA ILE A 56 -14.30 -11.80 2.70
C ILE A 56 -14.54 -12.36 1.25
N GLU A 57 -14.43 -11.51 0.27
CA GLU A 57 -14.56 -11.90 -1.13
C GLU A 57 -13.24 -11.62 -1.79
N ALA A 58 -12.81 -12.51 -2.68
CA ALA A 58 -11.56 -12.36 -3.44
C ALA A 58 -11.72 -11.22 -4.42
N ASN A 59 -10.77 -10.32 -4.44
CA ASN A 59 -10.84 -9.20 -5.33
C ASN A 59 -9.41 -8.85 -5.73
N ILE A 60 -9.25 -7.73 -6.43
CA ILE A 60 -7.97 -7.32 -6.91
C ILE A 60 -7.71 -5.87 -6.59
N LYS A 61 -6.43 -5.58 -6.43
CA LYS A 61 -6.03 -4.19 -6.18
C LYS A 61 -4.95 -3.81 -7.21
N PHE A 62 -5.21 -2.69 -7.87
CA PHE A 62 -4.24 -2.03 -8.72
C PHE A 62 -3.61 -0.88 -8.02
N GLU A 63 -2.33 -0.66 -8.31
CA GLU A 63 -1.62 0.57 -7.97
C GLU A 63 -0.96 1.11 -9.19
N ILE A 64 -1.21 2.39 -9.46
CA ILE A 64 -0.72 3.06 -10.62
C ILE A 64 -0.08 4.40 -10.21
N LEU A 65 1.20 4.54 -10.50
CA LEU A 65 1.88 5.81 -10.21
C LEU A 65 1.82 6.66 -11.42
N THR A 66 1.37 7.91 -11.27
CA THR A 66 1.17 8.76 -12.45
C THR A 66 1.95 10.01 -12.18
N GLU A 67 2.37 10.63 -13.25
CA GLU A 67 3.22 11.84 -13.12
C GLU A 67 2.31 13.04 -12.74
N THR A 68 1.06 13.00 -13.13
CA THR A 68 0.18 14.09 -12.76
C THR A 68 -1.03 13.59 -12.06
N ARG A 69 -1.62 14.51 -11.30
CA ARG A 69 -2.90 14.23 -10.66
C ARG A 69 -4.04 14.08 -11.69
N GLU A 70 -4.04 14.87 -12.78
CA GLU A 70 -5.12 14.75 -13.78
C GLU A 70 -5.14 13.38 -14.45
N MET A 71 -3.97 12.77 -14.67
CA MET A 71 -3.94 11.42 -15.27
C MET A 71 -4.54 10.38 -14.32
N ALA A 72 -4.22 10.49 -13.03
CA ALA A 72 -4.79 9.63 -12.04
C ALA A 72 -6.32 9.77 -12.00
N GLU A 73 -6.82 11.00 -12.01
CA GLU A 73 -8.25 11.20 -11.96
C GLU A 73 -8.98 10.78 -13.26
N GLU A 74 -8.32 10.91 -14.40
CA GLU A 74 -8.85 10.44 -15.67
C GLU A 74 -9.05 8.91 -15.61
N ILE A 75 -8.06 8.20 -15.12
CA ILE A 75 -8.18 6.73 -14.96
C ILE A 75 -9.32 6.39 -13.99
N ALA A 76 -9.31 7.08 -12.86
CA ALA A 76 -10.35 6.85 -11.86
C ALA A 76 -11.76 7.09 -12.41
N ASP A 77 -11.95 8.24 -13.06
CA ASP A 77 -13.23 8.62 -13.61
C ASP A 77 -13.70 7.63 -14.65
N ARG A 78 -12.81 7.19 -15.53
CA ARG A 78 -13.19 6.28 -16.60
C ARG A 78 -13.59 4.93 -16.02
N VAL A 79 -12.80 4.45 -15.06
CA VAL A 79 -13.16 3.21 -14.36
C VAL A 79 -14.53 3.32 -13.67
N ALA A 80 -14.73 4.39 -12.91
CA ALA A 80 -15.94 4.49 -12.10
C ALA A 80 -17.18 4.62 -12.96
N VAL A 81 -17.10 5.47 -13.98
CA VAL A 81 -18.22 5.64 -14.87
C VAL A 81 -18.52 4.32 -15.58
N LYS A 82 -17.50 3.63 -16.01
CA LYS A 82 -17.75 2.50 -16.86
C LYS A 82 -18.24 1.29 -16.04
N TYR A 83 -17.82 1.16 -14.79
CA TYR A 83 -18.03 -0.09 -14.07
C TYR A 83 -18.67 0.03 -12.71
N PHE A 84 -18.62 1.18 -12.05
CA PHE A 84 -19.01 1.19 -10.62
C PHE A 84 -20.46 1.33 -10.34
N ASN A 85 -21.30 1.37 -11.36
CA ASN A 85 -22.69 1.15 -11.09
C ASN A 85 -23.07 -0.29 -10.94
N ASP A 86 -22.27 -1.16 -11.49
CA ASP A 86 -22.61 -2.56 -11.59
C ASP A 86 -21.68 -3.42 -10.81
N TYR A 87 -20.50 -2.91 -10.48
CA TYR A 87 -19.51 -3.72 -9.80
C TYR A 87 -19.02 -2.98 -8.55
N ALA A 88 -18.62 -3.76 -7.56
CA ALA A 88 -18.08 -3.29 -6.30
C ALA A 88 -16.70 -2.72 -6.54
N GLY A 89 -16.39 -1.66 -5.80
CA GLY A 89 -15.04 -1.12 -5.92
C GLY A 89 -14.82 0.16 -5.14
N ILE A 90 -13.57 0.45 -4.80
N ILE A 90 -13.57 0.44 -4.79
CA ILE A 90 -13.21 1.76 -4.31
CA ILE A 90 -13.18 1.72 -4.22
C ILE A 90 -11.94 2.25 -5.02
C ILE A 90 -11.92 2.24 -4.98
N ILE A 91 -11.78 3.56 -5.08
CA ILE A 91 -10.61 4.15 -5.67
C ILE A 91 -10.15 5.27 -4.77
N TYR A 92 -8.85 5.27 -4.49
CA TYR A 92 -8.28 6.30 -3.67
C TYR A 92 -6.91 6.66 -4.17
N ILE A 93 -6.37 7.75 -3.65
CA ILE A 93 -5.11 8.25 -4.10
C ILE A 93 -4.22 8.63 -2.91
N CYS A 94 -2.95 8.28 -3.02
CA CYS A 94 -1.90 8.59 -2.02
C CYS A 94 -0.80 9.44 -2.72
N SER A 95 -0.03 10.20 -2.00
CA SER A 95 1.10 10.91 -2.57
CA SER A 95 1.08 10.94 -2.59
C SER A 95 2.35 10.08 -2.38
N ALA A 96 3.17 9.98 -3.38
CA ALA A 96 4.42 9.21 -3.27
C ALA A 96 5.48 10.03 -3.92
N GLU A 97 6.73 9.61 -3.74
CA GLU A 97 7.84 10.13 -4.51
C GLU A 97 8.59 8.95 -5.11
N VAL A 98 8.84 8.98 -6.40
CA VAL A 98 9.64 7.93 -7.05
C VAL A 98 11.12 8.22 -6.98
N LEU A 99 11.86 7.24 -6.49
CA LEU A 99 13.24 7.36 -6.35
C LEU A 99 13.98 6.75 -7.56
N TYR A 100 13.49 5.62 -8.08
CA TYR A 100 14.14 4.96 -9.27
C TYR A 100 13.03 4.38 -10.08
N GLY A 101 13.13 4.62 -11.38
CA GLY A 101 12.05 4.31 -12.33
C GLY A 101 12.41 4.79 -13.73
N HIS A 102 12.95 3.88 -14.54
CA HIS A 102 13.48 4.23 -15.85
C HIS A 102 12.48 4.99 -16.67
N THR A 103 11.30 4.43 -16.88
CA THR A 103 10.28 5.15 -17.71
C THR A 103 9.65 6.29 -16.96
N PHE A 104 9.36 6.08 -15.68
CA PHE A 104 8.67 7.11 -14.91
C PHE A 104 9.51 8.38 -14.84
N CYS A 105 10.81 8.27 -14.59
CA CYS A 105 11.63 9.46 -14.43
C CYS A 105 12.42 9.88 -15.66
N GLY A 106 12.49 9.01 -16.65
CA GLY A 106 13.16 9.33 -17.89
C GLY A 106 14.65 9.12 -17.72
N PRO A 107 15.42 9.35 -18.80
CA PRO A 107 16.89 9.16 -18.83
C PRO A 107 17.68 9.96 -17.78
N GLU A 108 17.20 11.14 -17.36
CA GLU A 108 17.93 11.92 -16.34
C GLU A 108 17.81 11.29 -14.94
N GLY A 109 16.95 10.29 -14.74
CA GLY A 109 16.75 9.74 -13.38
C GLY A 109 15.82 10.66 -12.58
N CYS A 110 15.47 10.27 -11.35
CA CYS A 110 14.46 10.97 -10.58
C CYS A 110 15.04 12.14 -9.78
N SER A 111 16.37 12.26 -9.77
CA SER A 111 17.23 13.47 -9.46
C SER A 111 18.34 13.19 -8.48
N ALA B 2 -12.75 14.78 -3.77
CA ALA B 2 -12.00 13.72 -3.06
C ALA B 2 -12.35 13.87 -1.60
N LYS B 3 -12.41 12.78 -0.88
CA LYS B 3 -12.77 12.82 0.50
C LYS B 3 -11.59 12.34 1.32
N PRO B 4 -11.13 13.14 2.31
CA PRO B 4 -9.92 12.77 3.04
C PRO B 4 -10.18 11.53 3.83
N ALA B 5 -9.19 10.67 3.90
CA ALA B 5 -9.29 9.45 4.64
C ALA B 5 -7.97 9.20 5.30
N ASN B 6 -8.01 8.47 6.38
CA ASN B 6 -6.84 7.86 6.93
C ASN B 6 -6.85 6.38 6.43
N LYS B 7 -5.71 5.92 5.93
CA LYS B 7 -5.57 4.53 5.63
C LYS B 7 -4.76 3.89 6.74
N LEU B 8 -5.45 3.00 7.47
CA LEU B 8 -4.86 2.32 8.57
C LEU B 8 -4.38 0.97 7.99
N VAL B 9 -3.15 0.65 8.30
CA VAL B 9 -2.56 -0.62 7.84
C VAL B 9 -2.16 -1.47 9.05
N ILE B 10 -2.61 -2.72 9.11
CA ILE B 10 -2.26 -3.62 10.20
C ILE B 10 -1.57 -4.84 9.57
N VAL B 11 -0.33 -5.07 9.90
CA VAL B 11 0.35 -6.30 9.46
C VAL B 11 0.53 -7.15 10.70
N THR B 12 -0.02 -8.33 10.67
CA THR B 12 -0.01 -9.20 11.80
C THR B 12 -0.18 -10.65 11.45
N GLU B 13 -0.29 -11.48 12.47
CA GLU B 13 -0.39 -12.91 12.26
C GLU B 13 -1.71 -13.30 11.78
N LYS B 14 -1.71 -14.26 10.86
CA LYS B 14 -2.94 -14.71 10.24
C LYS B 14 -4.00 -15.24 11.18
N ILE B 15 -3.61 -15.89 12.25
CA ILE B 15 -4.57 -16.42 13.20
C ILE B 15 -5.50 -15.33 13.81
N LEU B 16 -5.12 -14.04 13.71
CA LEU B 16 -5.98 -12.94 14.27
C LEU B 16 -6.97 -12.37 13.26
N LEU B 17 -7.07 -12.99 12.07
CA LEU B 17 -7.89 -12.48 11.00
C LEU B 17 -9.29 -12.15 11.49
N LYS B 18 -10.00 -13.12 12.01
CA LYS B 18 -11.41 -12.88 12.38
C LYS B 18 -11.55 -11.90 13.58
N LYS B 19 -10.64 -12.03 14.54
CA LYS B 19 -10.68 -11.15 15.71
C LYS B 19 -10.46 -9.70 15.29
N ILE B 20 -9.57 -9.45 14.36
CA ILE B 20 -9.30 -8.13 13.87
C ILE B 20 -10.43 -7.63 12.98
N ALA B 21 -10.99 -8.49 12.13
CA ALA B 21 -12.14 -8.12 11.34
C ALA B 21 -13.32 -7.68 12.24
N LYS B 22 -13.54 -8.35 13.37
CA LYS B 22 -14.60 -8.01 14.26
C LYS B 22 -14.37 -6.64 14.86
N ILE B 23 -13.15 -6.33 15.21
CA ILE B 23 -12.80 -5.02 15.74
C ILE B 23 -13.03 -3.96 14.70
N ILE B 24 -12.62 -4.22 13.47
CA ILE B 24 -12.86 -3.30 12.36
C ILE B 24 -14.32 -3.00 12.20
N ASP B 25 -15.13 -4.03 12.14
CA ASP B 25 -16.57 -3.90 12.05
C ASP B 25 -17.18 -3.10 13.20
N GLU B 26 -16.68 -3.32 14.43
CA GLU B 26 -17.24 -2.71 15.61
C GLU B 26 -16.83 -1.26 15.67
N SER B 27 -15.84 -0.85 14.91
CA SER B 27 -15.43 0.54 14.96
C SER B 27 -16.35 1.44 14.14
N GLY B 28 -17.23 0.85 13.33
CA GLY B 28 -17.95 1.66 12.37
C GLY B 28 -17.28 1.82 11.02
N ALA B 29 -16.06 1.31 10.81
CA ALA B 29 -15.47 1.35 9.49
C ALA B 29 -16.36 0.60 8.51
N LYS B 30 -16.35 1.02 7.25
CA LYS B 30 -17.32 0.50 6.28
C LYS B 30 -16.83 -0.75 5.59
N GLY B 31 -15.57 -1.04 5.73
CA GLY B 31 -15.02 -2.18 5.03
C GLY B 31 -13.58 -2.23 5.25
N TYR B 32 -12.96 -3.22 4.61
CA TYR B 32 -11.52 -3.37 4.72
C TYR B 32 -11.02 -4.28 3.60
N THR B 33 -9.75 -4.14 3.31
CA THR B 33 -9.09 -5.00 2.35
C THR B 33 -8.02 -5.79 3.17
N VAL B 34 -7.82 -7.03 2.80
CA VAL B 34 -6.90 -7.89 3.47
C VAL B 34 -6.07 -8.64 2.42
N MET B 35 -4.81 -8.91 2.74
CA MET B 35 -3.98 -9.73 1.84
C MET B 35 -2.98 -10.58 2.59
N ASN B 36 -2.60 -11.67 1.96
CA ASN B 36 -1.56 -12.52 2.44
C ASN B 36 -0.24 -11.87 2.11
N THR B 37 0.64 -11.83 3.09
CA THR B 37 1.97 -11.29 2.89
C THR B 37 2.95 -12.16 3.56
N GLY B 38 4.22 -11.82 3.35
CA GLY B 38 5.32 -12.34 4.11
C GLY B 38 6.08 -11.21 4.78
N GLY B 39 6.83 -11.54 5.80
CA GLY B 39 7.54 -10.52 6.54
C GLY B 39 8.62 -11.04 7.43
N LYS B 40 9.55 -10.15 7.78
CA LYS B 40 10.57 -10.39 8.82
C LYS B 40 10.43 -9.23 9.81
N GLY B 41 10.54 -9.53 11.08
CA GLY B 41 10.71 -8.49 12.11
C GLY B 41 11.99 -8.62 12.94
N SER B 42 12.00 -7.92 14.09
CA SER B 42 12.77 -8.24 15.35
C SER B 42 14.24 -8.45 15.12
N SER B 54 14.23 -18.93 4.70
CA SER B 54 14.64 -19.34 6.04
C SER B 54 13.91 -18.45 7.03
N ASP B 55 14.05 -17.14 6.87
CA ASP B 55 13.67 -16.14 7.89
C ASP B 55 12.24 -15.50 7.80
N ILE B 56 11.71 -15.51 6.62
CA ILE B 56 10.45 -14.85 6.32
C ILE B 56 9.33 -15.66 6.95
N GLU B 57 8.31 -15.01 7.46
CA GLU B 57 7.12 -15.67 8.00
C GLU B 57 5.91 -15.21 7.24
N ALA B 58 4.93 -16.06 7.10
CA ALA B 58 3.65 -15.71 6.44
C ALA B 58 2.87 -14.84 7.43
N ASN B 59 2.24 -13.77 6.94
CA ASN B 59 1.38 -13.00 7.78
C ASN B 59 0.27 -12.38 6.93
N ILE B 60 -0.55 -11.53 7.51
CA ILE B 60 -1.59 -10.89 6.78
C ILE B 60 -1.47 -9.39 6.96
N LYS B 61 -1.95 -8.68 5.97
CA LYS B 61 -2.02 -7.25 6.04
C LYS B 61 -3.44 -6.80 5.78
N PHE B 62 -3.95 -5.97 6.69
CA PHE B 62 -5.23 -5.29 6.53
C PHE B 62 -5.01 -3.83 6.17
N GLU B 63 -5.91 -3.32 5.33
CA GLU B 63 -5.95 -1.88 4.99
C GLU B 63 -7.37 -1.41 5.20
N ILE B 64 -7.50 -0.37 6.00
CA ILE B 64 -8.85 0.10 6.40
C ILE B 64 -8.88 1.60 6.14
N LEU B 65 -9.73 2.06 5.24
CA LEU B 65 -9.84 3.50 5.05
C LEU B 65 -10.91 3.97 6.03
N THR B 66 -10.60 5.04 6.76
CA THR B 66 -11.52 5.57 7.76
C THR B 66 -11.75 7.04 7.53
N GLU B 67 -12.93 7.47 7.86
CA GLU B 67 -13.33 8.87 7.64
C GLU B 67 -12.61 9.80 8.61
N THR B 68 -12.27 9.32 9.79
CA THR B 68 -11.57 10.11 10.72
C THR B 68 -10.37 9.42 11.28
N ARG B 69 -9.45 10.23 11.74
CA ARG B 69 -8.29 9.77 12.41
C ARG B 69 -8.63 9.02 13.68
N GLU B 70 -9.65 9.48 14.40
CA GLU B 70 -10.04 8.87 15.68
C GLU B 70 -10.56 7.45 15.52
N MET B 71 -11.30 7.17 14.44
CA MET B 71 -11.73 5.80 14.15
C MET B 71 -10.54 4.91 13.85
N ALA B 72 -9.58 5.42 13.09
CA ALA B 72 -8.39 4.66 12.78
C ALA B 72 -7.64 4.32 14.07
N GLU B 73 -7.45 5.31 14.96
CA GLU B 73 -6.72 5.06 16.21
C GLU B 73 -7.50 4.13 17.19
N GLU B 74 -8.84 4.18 17.17
CA GLU B 74 -9.63 3.24 17.95
C GLU B 74 -9.36 1.81 17.52
N ILE B 75 -9.38 1.57 16.23
CA ILE B 75 -9.09 0.22 15.76
C ILE B 75 -7.69 -0.15 16.16
N ALA B 76 -6.72 0.74 15.93
CA ALA B 76 -5.33 0.44 16.22
C ALA B 76 -5.13 0.14 17.70
N ASP B 77 -5.67 0.97 18.57
CA ASP B 77 -5.51 0.84 20.01
C ASP B 77 -6.15 -0.40 20.52
N ARG B 78 -7.33 -0.73 20.00
CA ARG B 78 -8.03 -1.95 20.41
C ARG B 78 -7.28 -3.22 19.98
N VAL B 79 -6.82 -3.26 18.75
CA VAL B 79 -5.98 -4.35 18.28
C VAL B 79 -4.72 -4.50 19.13
N ALA B 80 -4.00 -3.41 19.34
CA ALA B 80 -2.72 -3.51 20.05
C ALA B 80 -2.89 -3.92 21.49
N VAL B 81 -3.80 -3.27 22.20
CA VAL B 81 -4.03 -3.61 23.61
C VAL B 81 -4.46 -5.08 23.79
N LYS B 82 -5.25 -5.59 22.88
CA LYS B 82 -5.72 -6.92 23.01
C LYS B 82 -4.68 -7.98 22.60
N TYR B 83 -3.87 -7.70 21.60
CA TYR B 83 -3.14 -8.76 20.91
C TYR B 83 -1.66 -8.55 20.81
N PHE B 84 -1.17 -7.32 20.91
CA PHE B 84 0.22 -7.10 20.57
C PHE B 84 1.17 -7.42 21.68
N ASN B 85 0.68 -7.81 22.82
CA ASN B 85 1.58 -8.34 23.82
C ASN B 85 2.02 -9.72 23.44
N ASP B 86 1.18 -10.46 22.73
CA ASP B 86 1.35 -11.89 22.51
C ASP B 86 1.59 -12.24 21.04
N TYR B 87 1.27 -11.35 20.12
CA TYR B 87 1.37 -11.64 18.70
C TYR B 87 2.20 -10.55 18.04
N ALA B 88 2.92 -10.95 17.00
CA ALA B 88 3.73 -10.06 16.16
C ALA B 88 2.82 -9.15 15.37
N GLY B 89 3.26 -7.92 15.19
CA GLY B 89 2.49 -7.02 14.37
C GLY B 89 2.99 -5.57 14.34
N ILE B 90 2.63 -4.87 13.29
N ILE B 90 2.64 -4.86 13.28
CA ILE B 90 2.83 -3.43 13.28
CA ILE B 90 2.91 -3.42 13.18
C ILE B 90 1.57 -2.76 12.73
C ILE B 90 1.63 -2.73 12.66
N ILE B 91 1.40 -1.50 13.09
CA ILE B 91 0.24 -0.71 12.67
C ILE B 91 0.71 0.63 12.37
N TYR B 92 0.33 1.12 11.20
CA TYR B 92 0.71 2.39 10.75
C TYR B 92 -0.40 3.04 9.97
N ILE B 93 -0.26 4.35 9.80
CA ILE B 93 -1.30 5.10 9.13
C ILE B 93 -0.74 6.00 8.04
N CYS B 94 -1.44 6.09 6.93
CA CYS B 94 -1.06 6.91 5.73
C CYS B 94 -2.23 7.83 5.42
N SER B 95 -2.01 8.93 4.74
CA SER B 95 -3.10 9.82 4.34
C SER B 95 -3.50 9.42 2.98
N ALA B 96 -4.78 9.41 2.74
CA ALA B 96 -5.29 9.12 1.41
C ALA B 96 -6.46 10.05 1.15
N GLU B 97 -6.83 10.12 -0.11
CA GLU B 97 -8.08 10.72 -0.52
C GLU B 97 -8.88 9.72 -1.32
N VAL B 98 -10.13 9.48 -0.94
CA VAL B 98 -11.02 8.63 -1.67
C VAL B 98 -11.67 9.41 -2.79
N LEU B 99 -11.58 8.86 -3.99
CA LEU B 99 -12.21 9.41 -5.17
C LEU B 99 -13.54 8.76 -5.49
N TYR B 100 -13.67 7.46 -5.29
CA TYR B 100 -14.91 6.78 -5.57
C TYR B 100 -15.06 5.70 -4.53
N GLY B 101 -16.26 5.56 -4.04
CA GLY B 101 -16.53 4.69 -2.95
C GLY B 101 -17.97 4.89 -2.51
N HIS B 102 -18.86 4.03 -3.01
CA HIS B 102 -20.33 4.14 -2.74
C HIS B 102 -20.60 4.25 -1.24
N THR B 103 -20.07 3.32 -0.44
CA THR B 103 -20.32 3.34 1.01
C THR B 103 -19.47 4.38 1.75
N PHE B 104 -18.21 4.50 1.41
CA PHE B 104 -17.37 5.48 2.07
C PHE B 104 -17.82 6.92 1.90
N CYS B 105 -18.21 7.31 0.70
CA CYS B 105 -18.56 8.70 0.41
C CYS B 105 -20.06 9.00 0.37
N GLY B 106 -20.87 7.95 0.35
CA GLY B 106 -22.32 8.08 0.41
C GLY B 106 -22.83 8.37 -0.98
N PRO B 107 -24.15 8.51 -1.12
CA PRO B 107 -24.81 8.75 -2.41
C PRO B 107 -24.38 10.02 -3.12
N GLU B 108 -23.98 11.06 -2.39
CA GLU B 108 -23.52 12.28 -3.03
C GLU B 108 -22.12 12.12 -3.71
N GLY B 109 -21.42 11.00 -3.49
CA GLY B 109 -20.11 10.83 -4.10
C GLY B 109 -19.08 11.58 -3.28
N CYS B 110 -17.80 11.43 -3.64
CA CYS B 110 -16.70 11.93 -2.85
C CYS B 110 -16.36 13.40 -3.16
N SER B 111 -17.12 14.04 -3.99
CA SER B 111 -16.76 15.41 -4.34
C SER B 111 -18.04 16.16 -4.55
N ALA B 112 -18.94 15.95 -3.62
CA ALA B 112 -20.09 16.80 -3.51
C ALA B 112 -19.63 18.25 -3.25
N TRP B 113 -20.48 19.16 -3.66
CA TRP B 113 -20.28 20.58 -3.46
C TRP B 113 -21.41 21.00 -2.54
N SER B 114 -21.28 22.11 -1.84
CA SER B 114 -22.44 22.72 -1.21
C SER B 114 -23.05 23.71 -2.17
N ALA C 2 2.55 8.77 17.66
CA ALA C 2 2.84 8.18 16.33
C ALA C 2 4.28 8.58 16.01
N LYS C 3 4.99 7.73 15.32
CA LYS C 3 6.35 7.98 15.01
C LYS C 3 6.42 8.10 13.49
N PRO C 4 6.95 9.20 12.97
CA PRO C 4 7.06 9.39 11.52
C PRO C 4 7.94 8.34 10.90
N ALA C 5 7.60 7.90 9.71
CA ALA C 5 8.35 6.90 9.07
C ALA C 5 8.30 7.18 7.60
N ASN C 6 9.28 6.67 6.91
CA ASN C 6 9.30 6.61 5.46
C ASN C 6 8.98 5.17 5.11
N LYS C 7 7.99 4.97 4.24
CA LYS C 7 7.69 3.64 3.76
C LYS C 7 8.28 3.51 2.38
N LEU C 8 9.37 2.77 2.32
CA LEU C 8 10.09 2.51 1.09
C LEU C 8 9.43 1.34 0.43
N VAL C 9 9.11 1.50 -0.85
CA VAL C 9 8.46 0.45 -1.61
C VAL C 9 9.36 0.08 -2.80
N ILE C 10 9.63 -1.22 -2.93
CA ILE C 10 10.46 -1.74 -4.03
C ILE C 10 9.63 -2.73 -4.76
N VAL C 11 9.37 -2.49 -6.04
CA VAL C 11 8.63 -3.49 -6.82
C VAL C 11 9.57 -3.98 -7.92
N THR C 12 9.84 -5.28 -7.94
CA THR C 12 10.81 -5.84 -8.79
C THR C 12 10.55 -7.25 -9.17
N GLU C 13 11.49 -7.83 -9.91
CA GLU C 13 11.35 -9.20 -10.37
C GLU C 13 11.44 -10.16 -9.18
N LYS C 14 10.56 -11.15 -9.18
CA LYS C 14 10.43 -12.16 -8.12
C LYS C 14 11.73 -12.92 -7.85
N ILE C 15 12.54 -13.15 -8.90
CA ILE C 15 13.85 -13.83 -8.69
C ILE C 15 14.83 -13.06 -7.76
N LEU C 16 14.60 -11.78 -7.49
CA LEU C 16 15.48 -11.03 -6.61
C LEU C 16 15.05 -11.01 -5.13
N LEU C 17 14.02 -11.78 -4.81
CA LEU C 17 13.53 -11.81 -3.44
C LEU C 17 14.62 -11.92 -2.38
N LYS C 18 15.39 -13.00 -2.41
CA LYS C 18 16.45 -13.20 -1.38
C LYS C 18 17.57 -12.18 -1.46
N LYS C 19 17.91 -11.78 -2.68
CA LYS C 19 18.98 -10.76 -2.84
C LYS C 19 18.61 -9.39 -2.25
N ILE C 20 17.38 -8.99 -2.47
CA ILE C 20 16.94 -7.72 -1.92
C ILE C 20 16.71 -7.82 -0.41
N ALA C 21 16.17 -8.94 0.05
CA ALA C 21 16.01 -9.17 1.48
C ALA C 21 17.40 -9.06 2.19
N LYS C 22 18.46 -9.57 1.56
CA LYS C 22 19.75 -9.54 2.17
C LYS C 22 20.23 -8.10 2.36
N ILE C 23 20.01 -7.27 1.35
CA ILE C 23 20.34 -5.85 1.47
C ILE C 23 19.54 -5.16 2.57
N ILE C 24 18.24 -5.40 2.62
CA ILE C 24 17.45 -4.81 3.68
C ILE C 24 17.96 -5.22 5.07
N ASP C 25 18.24 -6.51 5.26
CA ASP C 25 18.79 -7.04 6.53
C ASP C 25 20.15 -6.42 6.92
N GLU C 26 20.97 -6.14 5.92
CA GLU C 26 22.26 -5.53 6.16
C GLU C 26 22.11 -4.04 6.46
N SER C 27 21.01 -3.40 6.09
CA SER C 27 20.88 -1.95 6.16
C SER C 27 20.61 -1.41 7.56
N GLY C 28 20.25 -2.26 8.49
CA GLY C 28 19.76 -1.68 9.74
C GLY C 28 18.28 -1.35 9.78
N ALA C 29 17.55 -1.49 8.69
CA ALA C 29 16.12 -1.50 8.79
C ALA C 29 15.66 -2.62 9.72
N LYS C 30 14.54 -2.43 10.39
CA LYS C 30 14.16 -3.33 11.47
C LYS C 30 13.28 -4.47 10.98
N GLY C 31 12.81 -4.39 9.74
CA GLY C 31 11.96 -5.41 9.23
C GLY C 31 11.51 -5.04 7.84
N TYR C 32 10.72 -5.91 7.25
CA TYR C 32 10.14 -5.66 5.97
C TYR C 32 8.95 -6.56 5.78
N THR C 33 8.09 -6.13 4.88
CA THR C 33 6.97 -6.93 4.39
C THR C 33 7.13 -7.12 2.90
N VAL C 34 6.72 -8.26 2.42
CA VAL C 34 6.88 -8.63 1.01
C VAL C 34 5.66 -9.38 0.56
N MET C 35 5.33 -9.15 -0.71
CA MET C 35 4.18 -9.79 -1.29
C MET C 35 4.38 -10.06 -2.75
N ASN C 36 3.73 -11.11 -3.18
CA ASN C 36 3.70 -11.45 -4.59
C ASN C 36 2.72 -10.47 -5.29
N THR C 37 3.13 -9.95 -6.44
CA THR C 37 2.28 -9.09 -7.28
C THR C 37 2.43 -9.45 -8.75
N GLY C 38 1.61 -8.82 -9.57
CA GLY C 38 1.80 -8.74 -11.00
C GLY C 38 2.04 -7.29 -11.40
N GLY C 39 2.62 -7.10 -12.54
CA GLY C 39 2.82 -5.76 -13.00
C GLY C 39 3.28 -5.66 -14.42
N LYS C 40 3.11 -4.46 -14.97
CA LYS C 40 3.67 -4.14 -16.26
C LYS C 40 4.44 -2.82 -16.08
N GLY C 41 5.56 -2.70 -16.78
CA GLY C 41 6.19 -1.42 -17.03
C GLY C 41 6.14 -1.07 -18.51
N SER C 42 6.99 -0.16 -18.96
CA SER C 42 6.93 0.41 -20.33
C SER C 42 8.17 0.16 -21.16
N ARG C 43 9.19 -0.46 -20.57
CA ARG C 43 10.19 -1.10 -21.35
C ARG C 43 9.63 -2.52 -21.53
N ASP C 55 2.00 -8.79 -21.59
CA ASP C 55 1.23 -9.38 -20.51
C ASP C 55 1.84 -9.01 -19.12
N ILE C 56 1.14 -9.45 -18.08
CA ILE C 56 1.50 -9.14 -16.70
C ILE C 56 2.69 -10.05 -16.28
N GLU C 57 3.69 -9.49 -15.63
CA GLU C 57 4.90 -10.21 -15.22
C GLU C 57 4.71 -10.57 -13.72
N ALA C 58 5.28 -11.67 -13.22
CA ALA C 58 5.24 -12.05 -11.80
C ALA C 58 6.33 -11.31 -11.11
N ASN C 59 5.93 -10.59 -10.09
N ASN C 59 5.91 -10.50 -10.14
CA ASN C 59 6.94 -9.87 -9.46
CA ASN C 59 6.76 -9.58 -9.45
C ASN C 59 6.64 -9.80 -7.95
C ASN C 59 6.64 -9.81 -7.93
N ILE C 60 7.45 -9.08 -7.21
CA ILE C 60 7.32 -8.96 -5.80
C ILE C 60 7.39 -7.51 -5.42
N LYS C 61 6.69 -7.23 -4.35
CA LYS C 61 6.74 -5.89 -3.77
C LYS C 61 7.22 -6.01 -2.32
N PHE C 62 8.25 -5.21 -2.00
CA PHE C 62 8.73 -5.02 -0.62
C PHE C 62 8.20 -3.70 -0.10
N GLU C 63 7.88 -3.69 1.21
CA GLU C 63 7.61 -2.44 1.95
C GLU C 63 8.47 -2.44 3.18
N ILE C 64 9.24 -1.37 3.36
CA ILE C 64 10.21 -1.27 4.42
C ILE C 64 9.90 0.09 5.11
N LEU C 65 9.51 0.05 6.35
CA LEU C 65 9.32 1.32 7.08
C LEU C 65 10.65 1.62 7.74
N THR C 66 11.13 2.84 7.53
CA THR C 66 12.39 3.27 8.08
C THR C 66 12.20 4.50 8.94
N GLU C 67 13.07 4.64 9.92
CA GLU C 67 12.97 5.76 10.87
C GLU C 67 13.39 7.08 10.21
N THR C 68 14.31 7.01 9.27
CA THR C 68 14.76 8.22 8.63
C THR C 68 14.69 8.08 7.14
N ARG C 69 14.61 9.22 6.51
CA ARG C 69 14.61 9.32 5.09
C ARG C 69 15.95 8.85 4.52
N GLU C 70 17.06 9.15 5.21
CA GLU C 70 18.41 8.76 4.77
C GLU C 70 18.60 7.23 4.72
N MET C 71 18.05 6.49 5.69
CA MET C 71 18.09 5.05 5.61
C MET C 71 17.31 4.55 4.38
N ALA C 72 16.15 5.12 4.12
CA ALA C 72 15.32 4.67 3.02
C ALA C 72 16.06 4.89 1.72
N GLU C 73 16.65 6.05 1.57
CA GLU C 73 17.42 6.36 0.36
C GLU C 73 18.68 5.53 0.21
N GLU C 74 19.33 5.19 1.29
CA GLU C 74 20.51 4.29 1.25
C GLU C 74 20.12 2.89 0.74
N ILE C 75 19.02 2.36 1.23
CA ILE C 75 18.52 1.08 0.74
C ILE C 75 18.19 1.18 -0.71
N ALA C 76 17.44 2.22 -1.06
CA ALA C 76 17.02 2.41 -2.42
C ALA C 76 18.25 2.49 -3.33
N ASP C 77 19.23 3.29 -2.97
CA ASP C 77 20.40 3.48 -3.81
C ASP C 77 21.11 2.16 -3.98
N ARG C 78 21.27 1.45 -2.92
CA ARG C 78 22.03 0.20 -2.96
C ARG C 78 21.36 -0.85 -3.84
N VAL C 79 20.07 -1.02 -3.68
CA VAL C 79 19.27 -1.90 -4.52
C VAL C 79 19.30 -1.48 -5.99
N ALA C 80 19.12 -0.20 -6.26
CA ALA C 80 19.04 0.25 -7.59
C ALA C 80 20.37 0.06 -8.31
N VAL C 81 21.46 0.42 -7.68
CA VAL C 81 22.80 0.31 -8.29
C VAL C 81 23.11 -1.16 -8.49
N LYS C 82 22.77 -1.98 -7.52
CA LYS C 82 23.20 -3.37 -7.55
C LYS C 82 22.37 -4.16 -8.57
N TYR C 83 21.11 -3.79 -8.80
CA TYR C 83 20.25 -4.62 -9.61
C TYR C 83 19.47 -3.95 -10.70
N PHE C 84 19.17 -2.66 -10.60
CA PHE C 84 18.19 -2.07 -11.52
C PHE C 84 18.75 -1.58 -12.83
N ASN C 85 20.02 -1.78 -13.07
CA ASN C 85 20.52 -1.61 -14.40
C ASN C 85 20.46 -2.92 -15.17
N ASP C 86 20.10 -4.03 -14.51
CA ASP C 86 20.13 -5.37 -15.11
C ASP C 86 18.80 -6.06 -15.00
N TYR C 87 17.91 -5.61 -14.11
CA TYR C 87 16.61 -6.23 -13.83
C TYR C 87 15.60 -5.11 -13.76
N ALA C 88 14.34 -5.42 -14.07
CA ALA C 88 13.23 -4.49 -13.99
C ALA C 88 12.96 -4.17 -12.51
N GLY C 89 12.54 -2.97 -12.23
CA GLY C 89 12.19 -2.60 -10.89
C GLY C 89 12.00 -1.11 -10.73
N ILE C 90 11.11 -0.77 -9.80
CA ILE C 90 10.89 0.63 -9.42
C ILE C 90 11.00 0.72 -7.90
N ILE C 91 11.28 1.94 -7.41
CA ILE C 91 11.34 2.23 -6.00
C ILE C 91 10.73 3.57 -5.76
N TYR C 92 9.89 3.62 -4.74
CA TYR C 92 9.23 4.85 -4.35
C TYR C 92 9.07 4.89 -2.88
N ILE C 93 8.71 6.06 -2.40
CA ILE C 93 8.58 6.31 -1.00
C ILE C 93 7.31 7.07 -0.63
N CYS C 94 6.67 6.67 0.46
CA CYS C 94 5.39 7.26 0.96
C CYS C 94 5.64 7.67 2.42
N SER C 95 4.87 8.60 2.94
CA SER C 95 5.01 9.00 4.35
C SER C 95 4.04 8.19 5.12
N ALA C 96 4.46 7.73 6.26
CA ALA C 96 3.58 7.00 7.16
C ALA C 96 3.88 7.43 8.57
N GLU C 97 2.94 7.15 9.46
CA GLU C 97 3.19 7.25 10.86
C GLU C 97 2.92 5.91 11.51
N VAL C 98 3.86 5.41 12.29
CA VAL C 98 3.69 4.17 12.97
C VAL C 98 3.05 4.38 14.31
N LEU C 99 1.96 3.66 14.55
CA LEU C 99 1.25 3.71 15.82
C LEU C 99 1.71 2.66 16.76
N TYR C 100 1.98 1.46 16.28
CA TYR C 100 2.41 0.36 17.14
C TYR C 100 3.45 -0.38 16.39
N GLY C 101 4.49 -0.81 17.09
CA GLY C 101 5.57 -1.56 16.39
C GLY C 101 6.74 -1.80 17.31
N HIS C 102 6.78 -2.99 17.93
CA HIS C 102 7.76 -3.30 19.00
C HIS C 102 9.17 -2.94 18.58
N THR C 103 9.57 -3.44 17.41
CA THR C 103 10.90 -3.25 16.93
C THR C 103 11.10 -1.81 16.39
N PHE C 104 10.17 -1.34 15.54
CA PHE C 104 10.28 -0.01 14.93
C PHE C 104 10.38 1.11 15.95
N CYS C 105 9.48 1.10 16.93
CA CYS C 105 9.44 2.19 17.86
C CYS C 105 10.35 1.99 19.05
N GLY C 106 10.76 0.75 19.28
CA GLY C 106 11.69 0.44 20.36
C GLY C 106 10.90 0.32 21.65
N PRO C 107 11.59 0.03 22.77
CA PRO C 107 10.97 -0.12 24.08
C PRO C 107 10.15 1.10 24.58
N GLU C 108 10.49 2.33 24.15
CA GLU C 108 9.71 3.58 24.40
C GLU C 108 8.25 3.51 23.89
N GLY C 109 8.00 2.67 22.88
CA GLY C 109 6.71 2.73 22.18
C GLY C 109 6.71 3.91 21.21
N CYS C 110 5.62 4.11 20.44
CA CYS C 110 5.59 5.11 19.38
C CYS C 110 5.21 6.55 19.79
N SER C 111 5.55 6.98 21.01
CA SER C 111 5.20 8.36 21.60
C SER C 111 3.81 8.83 21.17
N ALA C 112 2.85 8.27 21.87
CA ALA C 112 1.47 8.48 21.51
C ALA C 112 1.05 9.97 21.70
N TRP C 113 1.76 10.74 22.51
CA TRP C 113 1.37 12.15 22.77
C TRP C 113 2.10 13.13 21.89
N SER C 114 2.75 12.64 20.84
CA SER C 114 3.50 13.50 19.95
C SER C 114 2.60 13.82 18.74
C BCT D . -1.52 -11.27 -9.92
O1 BCT D . -0.63 -11.47 -10.88
O2 BCT D . -1.09 -11.42 -8.75
O3 BCT D . -2.73 -11.00 -10.27
PA ADP E . -17.86 -2.31 -1.73
O1A ADP E . -18.47 -3.71 -1.72
O2A ADP E . -17.82 -1.48 -2.99
O3A ADP E . -18.44 -1.52 -0.45
O5' ADP E . -16.29 -2.52 -1.48
C5' ADP E . -15.49 -3.13 -2.49
C4' ADP E . -14.08 -3.41 -1.97
O4' ADP E . -13.36 -2.19 -1.64
C3' ADP E . -14.13 -4.20 -0.67
O3' ADP E . -14.31 -5.58 -0.96
C2' ADP E . -12.81 -3.87 -0.02
O2' ADP E . -11.76 -4.68 -0.51
C1' ADP E . -12.62 -2.44 -0.46
N9 ADP E . -13.13 -1.50 0.55
C8 ADP E . -14.35 -1.00 0.66
N7 ADP E . -14.44 -0.17 1.71
C5 ADP E . -13.20 -0.11 2.24
C6 ADP E . -12.60 0.59 3.35
N6 ADP E . -13.35 1.44 4.07
N1 ADP E . -11.30 0.34 3.61
C2 ADP E . -10.54 -0.46 2.85
N3 ADP E . -11.02 -1.17 1.83
C4 ADP E . -12.33 -1.01 1.51
PA ADP F . 7.47 -8.02 14.29
O1A ADP F . 8.01 -9.48 14.40
O2A ADP F . 6.26 -7.73 15.10
O3A ADP F . 8.76 -7.02 14.58
O5' ADP F . 6.92 -7.75 12.79
C5' ADP F . 5.63 -8.26 12.36
C4' ADP F . 5.48 -8.08 10.90
O4' ADP F . 5.35 -6.68 10.59
C3' ADP F . 6.74 -8.50 10.20
O3' ADP F . 6.69 -9.90 9.84
C2' ADP F . 6.69 -7.63 8.98
O2' ADP F . 5.72 -8.04 8.02
C1' ADP F . 6.10 -6.33 9.47
N9 ADP F . 7.13 -5.36 9.81
C8 ADP F . 7.80 -5.29 10.96
N7 ADP F . 8.67 -4.26 10.90
C5 ADP F . 8.58 -3.70 9.67
C6 ADP F . 9.16 -2.55 9.02
N6 ADP F . 10.13 -1.83 9.61
N1 ADP F . 8.83 -2.31 7.77
C2 ADP F . 7.87 -3.01 7.15
N3 ADP F . 7.28 -4.08 7.69
C4 ADP F . 7.58 -4.42 8.95
PB ADP G . 9.85 0.66 -16.57
O1B ADP G . 10.67 -0.30 -17.46
O2B ADP G . 10.79 1.57 -15.79
O3B ADP G . 8.58 1.30 -17.10
PA ADP G . 9.77 -1.74 -14.98
O1A ADP G . 9.39 -2.98 -15.79
O2A ADP G . 11.12 -1.57 -14.39
O3A ADP G . 9.17 -0.40 -15.54
O5' ADP G . 8.78 -1.84 -13.68
C5' ADP G . 8.94 -2.83 -12.68
C4' ADP G . 7.57 -3.10 -12.09
O4' ADP G . 7.22 -1.89 -11.35
C3' ADP G . 6.46 -3.34 -13.11
O3' ADP G . 6.22 -4.75 -13.40
C2' ADP G . 5.28 -2.86 -12.27
O2' ADP G . 4.80 -3.89 -11.33
C1' ADP G . 5.81 -1.70 -11.47
N9 ADP G . 5.56 -0.40 -12.12
C8 ADP G . 6.32 0.20 -13.10
N7 ADP G . 5.79 1.40 -13.44
C5 ADP G . 4.72 1.58 -12.64
C6 ADP G . 3.78 2.65 -12.49
N6 ADP G . 3.93 3.72 -13.29
N1 ADP G . 2.79 2.49 -11.59
C2 ADP G . 2.74 1.40 -10.80
N3 ADP G . 3.62 0.36 -10.88
C4 ADP G . 4.60 0.41 -11.77
O1 P6G H . -0.03 -13.25 -7.07
C2 P6G H . -0.77 -14.04 -6.10
C3 P6G H . -0.20 -14.26 -4.70
O4 P6G H . -0.52 -13.14 -3.85
C5 P6G H . -0.27 -13.20 -2.45
C6 P6G H . 0.63 -12.04 -1.96
O7 P6G H . 1.87 -12.63 -1.57
C8 P6G H . 1.91 -13.62 -0.50
C9 P6G H . 3.29 -14.12 0.03
O10 P6G H . 4.42 -13.36 -0.32
C11 P6G H . 5.79 -13.78 -0.11
C12 P6G H . 5.95 -15.07 -0.96
O13 P6G H . 7.20 -15.35 -1.60
C14 P6G H . 7.32 -16.78 -1.77
C15 P6G H . 6.57 -17.26 -2.97
O16 P6G H . 5.58 -18.20 -2.71
C17 P6G H . 5.03 -18.66 -3.96
C18 P6G H . 3.59 -18.24 -4.17
O19 P6G H . 3.42 -17.62 -5.47
#